data_6JN0
#
_entry.id   6JN0
#
_cell.length_a   114.796
_cell.length_b   114.796
_cell.length_c   55.621
_cell.angle_alpha   90.000
_cell.angle_beta   90.000
_cell.angle_gamma   120.000
#
_symmetry.space_group_name_H-M   'P 61'
#
loop_
_entity.id
_entity.type
_entity.pdbx_description
1 polymer 'Peptidase M23'
2 polymer C0O-DAL-API
3 non-polymer 'ZINC ION'
4 water water
#
loop_
_entity_poly.entity_id
_entity_poly.type
_entity_poly.pdbx_seq_one_letter_code
_entity_poly.pdbx_strand_id
1 'polypeptide(L)'
;MELIKGQALFLELDKKDFLSLKNNDKNIPTFAHPKNQEKILAIFSLPYKNPPQNTKLIAFYKDKKEEIFIKTLEGNYKSE
KLQVENKKIFPPKTIQERIAKELKEANAIYSSYTPKALFNGAFNIPLNSFITSDFGKARTFNEKVASYHSGTDFRAATGT
PIYAANSGVVKIAKDRYFAGNSVVIDHGFGIYSQYYHLSKIDVKVGQKIKKGELIGLSGASGRVSGPALHFGILAGGKQV
DPLDFVSKFNAIFQL
;
A
2 'polypeptide(D)' (C0O)(DAL)(API) B
#
# COMPACT_ATOMS: atom_id res chain seq x y z
N MET A 1 -17.16 13.34 4.77
CA MET A 1 -15.90 13.36 4.04
C MET A 1 -16.04 12.57 2.75
N GLU A 2 -15.11 12.80 1.83
CA GLU A 2 -15.05 12.08 0.58
C GLU A 2 -13.64 11.53 0.38
N LEU A 3 -13.56 10.36 -0.26
CA LEU A 3 -12.29 9.70 -0.49
C LEU A 3 -12.40 8.89 -1.78
N ILE A 4 -11.44 9.08 -2.68
CA ILE A 4 -11.42 8.31 -3.92
C ILE A 4 -11.04 6.86 -3.62
N LYS A 5 -11.70 5.92 -4.28
CA LYS A 5 -11.37 4.50 -4.14
C LYS A 5 -9.88 4.29 -4.42
N GLY A 6 -9.27 3.37 -3.66
CA GLY A 6 -7.84 3.12 -3.81
C GLY A 6 -6.93 4.17 -3.22
N GLN A 7 -7.43 5.02 -2.33
CA GLN A 7 -6.59 5.99 -1.64
C GLN A 7 -6.77 5.84 -0.14
N ALA A 8 -5.81 6.38 0.61
CA ALA A 8 -5.86 6.44 2.06
C ALA A 8 -6.16 7.86 2.49
N LEU A 9 -6.75 7.99 3.68
CA LEU A 9 -6.79 9.30 4.31
C LEU A 9 -6.42 9.14 5.78
N PHE A 10 -5.86 10.22 6.34
CA PHE A 10 -5.48 10.27 7.75
C PHE A 10 -6.62 10.94 8.51
N LEU A 11 -7.29 10.19 9.38
CA LEU A 11 -8.36 10.74 10.18
C LEU A 11 -7.79 11.32 11.47
N GLU A 12 -8.18 12.54 11.81
CA GLU A 12 -7.71 13.19 13.02
C GLU A 12 -8.83 13.15 14.06
N LEU A 13 -8.48 12.73 15.28
CA LEU A 13 -9.45 12.62 16.36
C LEU A 13 -8.86 13.23 17.63
N ASP A 14 -9.77 13.68 18.51
CA ASP A 14 -9.36 14.07 19.84
C ASP A 14 -8.79 12.88 20.59
N LYS A 15 -7.64 13.09 21.26
CA LYS A 15 -6.97 12.04 22.02
C LYS A 15 -7.67 11.78 23.36
N LYS A 16 -8.12 12.84 24.02
CA LYS A 16 -8.62 12.71 25.39
C LYS A 16 -9.83 11.82 25.43
N ASP A 17 -9.81 10.85 26.35
CA ASP A 17 -10.93 9.94 26.64
C ASP A 17 -11.35 9.09 25.44
N PHE A 18 -10.55 9.05 24.38
CA PHE A 18 -10.81 8.15 23.27
C PHE A 18 -10.63 6.70 23.70
N LEU A 19 -11.57 5.84 23.32
CA LEU A 19 -11.48 4.41 23.61
C LEU A 19 -11.22 3.56 22.37
N SER A 20 -11.95 3.78 21.28
CA SER A 20 -11.84 2.84 20.17
C SER A 20 -12.46 3.43 18.91
N LEU A 21 -11.92 3.03 17.76
CA LEU A 21 -12.43 3.45 16.46
C LEU A 21 -12.81 2.20 15.67
N LYS A 22 -14.05 2.17 15.17
CA LYS A 22 -14.60 0.95 14.61
C LYS A 22 -15.25 1.22 13.26
N ASN A 23 -15.12 0.26 12.37
CA ASN A 23 -15.83 0.18 11.10
C ASN A 23 -16.64 -1.11 11.17
N ASN A 24 -17.95 -0.99 11.37
CA ASN A 24 -18.74 -2.16 11.74
C ASN A 24 -18.08 -2.81 12.96
N ASP A 25 -17.76 -4.09 12.88
CA ASP A 25 -17.07 -4.74 14.00
C ASP A 25 -15.56 -4.73 13.87
N LYS A 26 -15.01 -4.01 12.89
CA LYS A 26 -13.57 -4.01 12.67
C LYS A 26 -12.93 -2.82 13.40
N ASN A 27 -11.93 -3.11 14.23
CA ASN A 27 -11.22 -2.06 14.96
C ASN A 27 -10.12 -1.45 14.08
N ILE A 28 -10.06 -0.12 14.06
CA ILE A 28 -9.05 0.62 13.33
C ILE A 28 -8.03 1.15 14.33
N PRO A 29 -6.75 0.79 14.22
CA PRO A 29 -5.74 1.31 15.15
C PRO A 29 -5.56 2.82 15.02
N THR A 30 -5.05 3.41 16.09
CA THR A 30 -4.73 4.84 16.13
C THR A 30 -3.26 5.01 16.51
N PHE A 31 -2.69 6.14 16.11
CA PHE A 31 -1.34 6.53 16.52
C PHE A 31 -1.33 8.03 16.81
N ALA A 32 -0.25 8.51 17.45
CA ALA A 32 -0.19 9.91 17.89
C ALA A 32 -0.07 10.86 16.70
N HIS A 33 -0.70 12.02 16.83
CA HIS A 33 -0.40 13.11 15.90
C HIS A 33 0.95 13.68 16.29
N PRO A 34 1.93 13.71 15.39
CA PRO A 34 3.28 14.16 15.79
C PRO A 34 3.37 15.64 16.08
N LYS A 35 2.40 16.44 15.65
CA LYS A 35 2.47 17.88 15.84
C LYS A 35 1.48 18.41 16.87
N ASN A 36 0.34 17.73 17.08
CA ASN A 36 -0.69 18.20 17.99
C ASN A 36 -0.92 17.14 19.06
N GLN A 37 -0.30 17.35 20.22
CA GLN A 37 -0.34 16.43 21.35
C GLN A 37 -1.74 16.13 21.86
N GLU A 38 -2.75 16.89 21.44
CA GLU A 38 -4.14 16.64 21.81
C GLU A 38 -4.90 15.82 20.76
N LYS A 39 -4.23 15.39 19.69
CA LYS A 39 -4.87 14.63 18.63
C LYS A 39 -4.19 13.28 18.45
N ILE A 40 -4.96 12.35 17.89
CA ILE A 40 -4.45 11.08 17.38
C ILE A 40 -4.90 10.98 15.95
N LEU A 41 -4.30 10.04 15.23
CA LEU A 41 -4.55 9.79 13.82
C LEU A 41 -4.91 8.34 13.59
N ALA A 42 -5.64 8.08 12.51
CA ALA A 42 -5.84 6.74 12.00
C ALA A 42 -5.84 6.79 10.47
N ILE A 43 -5.42 5.69 9.85
CA ILE A 43 -5.40 5.60 8.40
C ILE A 43 -6.65 4.82 7.98
N PHE A 44 -7.48 5.44 7.15
CA PHE A 44 -8.61 4.75 6.56
C PHE A 44 -8.38 4.66 5.07
N SER A 45 -8.48 3.45 4.52
CA SER A 45 -8.28 3.20 3.10
C SER A 45 -9.50 2.53 2.50
N LEU A 46 -9.81 2.88 1.26
CA LEU A 46 -10.84 2.22 0.48
C LEU A 46 -10.21 1.33 -0.59
N PRO A 47 -10.72 0.12 -0.77
CA PRO A 47 -10.17 -0.75 -1.82
C PRO A 47 -10.52 -0.20 -3.19
N TYR A 48 -9.60 -0.41 -4.15
CA TYR A 48 -9.87 -0.03 -5.52
C TYR A 48 -11.04 -0.83 -6.09
N LYS A 49 -10.97 -2.16 -6.02
CA LYS A 49 -12.03 -3.01 -6.56
C LYS A 49 -13.19 -3.07 -5.59
N ASN A 50 -14.39 -2.85 -6.10
CA ASN A 50 -15.63 -3.09 -5.37
C ASN A 50 -15.68 -2.49 -3.97
N PRO A 51 -15.49 -1.17 -3.84
CA PRO A 51 -15.59 -0.55 -2.53
C PRO A 51 -17.04 -0.30 -2.15
N PRO A 52 -17.34 -0.10 -0.87
CA PRO A 52 -18.67 0.36 -0.50
C PRO A 52 -18.93 1.74 -1.05
N GLN A 53 -20.23 2.07 -1.18
CA GLN A 53 -20.61 3.40 -1.66
C GLN A 53 -20.37 4.44 -0.57
N ASN A 54 -20.62 4.08 0.68
CA ASN A 54 -20.37 4.98 1.80
C ASN A 54 -19.86 4.17 2.97
N THR A 55 -19.24 4.86 3.91
CA THR A 55 -18.67 4.25 5.10
C THR A 55 -19.00 5.14 6.29
N LYS A 56 -19.41 4.53 7.40
CA LYS A 56 -19.55 5.28 8.64
C LYS A 56 -18.72 4.60 9.71
N LEU A 57 -17.76 5.35 10.26
CA LEU A 57 -16.94 4.91 11.38
C LEU A 57 -17.50 5.51 12.66
N ILE A 58 -17.34 4.80 13.77
CA ILE A 58 -17.74 5.32 15.06
C ILE A 58 -16.51 5.37 15.94
N ALA A 59 -16.18 6.58 16.43
CA ALA A 59 -15.15 6.74 17.44
C ALA A 59 -15.83 6.74 18.80
N PHE A 60 -15.54 5.72 19.61
CA PHE A 60 -16.14 5.58 20.93
C PHE A 60 -15.25 6.27 21.95
N TYR A 61 -15.83 7.23 22.67
CA TYR A 61 -15.19 7.93 23.79
C TYR A 61 -15.82 7.46 25.10
N LYS A 62 -15.15 7.81 26.19
CA LYS A 62 -15.64 7.45 27.52
C LYS A 62 -17.04 8.00 27.77
N ASP A 63 -17.38 9.14 27.15
CA ASP A 63 -18.69 9.76 27.36
C ASP A 63 -19.43 10.08 26.07
N LYS A 64 -18.97 9.63 24.91
CA LYS A 64 -19.73 9.93 23.71
C LYS A 64 -19.30 9.00 22.59
N LYS A 65 -20.16 8.89 21.59
CA LYS A 65 -19.78 8.29 20.32
C LYS A 65 -19.85 9.37 19.24
N GLU A 66 -18.84 9.36 18.36
CA GLU A 66 -18.71 10.33 17.31
C GLU A 66 -18.71 9.57 15.99
N GLU A 67 -19.70 9.84 15.15
CA GLU A 67 -19.81 9.14 13.88
C GLU A 67 -19.03 9.91 12.81
N ILE A 68 -18.49 9.15 11.85
CA ILE A 68 -17.69 9.72 10.76
C ILE A 68 -18.19 9.10 9.45
N PHE A 69 -18.74 9.92 8.58
CA PHE A 69 -19.26 9.48 7.30
C PHE A 69 -18.19 9.73 6.24
N ILE A 70 -17.95 8.72 5.40
CA ILE A 70 -17.03 8.88 4.28
C ILE A 70 -17.73 8.37 3.02
N LYS A 71 -17.84 9.24 2.03
CA LYS A 71 -18.40 8.92 0.72
C LYS A 71 -17.29 8.50 -0.24
N THR A 72 -17.46 7.36 -0.88
CA THR A 72 -16.53 6.86 -1.89
C THR A 72 -16.69 7.63 -3.20
N LEU A 73 -15.57 8.09 -3.77
CA LEU A 73 -15.58 8.70 -5.10
C LEU A 73 -14.87 7.79 -6.09
N GLU A 74 -15.33 7.82 -7.34
CA GLU A 74 -14.72 6.99 -8.37
C GLU A 74 -13.35 7.50 -8.80
N GLY A 75 -13.13 8.82 -8.73
CA GLY A 75 -11.86 9.37 -9.14
C GLY A 75 -11.79 9.51 -10.65
N ASN A 76 -10.58 9.73 -11.14
CA ASN A 76 -10.35 9.94 -12.55
C ASN A 76 -9.25 9.03 -13.07
N TYR A 77 -9.37 7.73 -12.76
CA TYR A 77 -8.38 6.75 -13.16
C TYR A 77 -8.51 6.41 -14.63
N LYS A 78 -7.39 6.05 -15.25
CA LYS A 78 -7.46 5.54 -16.61
C LYS A 78 -8.07 4.14 -16.60
N SER A 79 -8.99 3.90 -17.54
CA SER A 79 -9.74 2.66 -17.55
C SER A 79 -10.01 2.25 -18.98
N GLU A 80 -9.86 0.96 -19.27
CA GLU A 80 -10.13 0.44 -20.59
C GLU A 80 -11.02 -0.79 -20.48
N LYS A 81 -11.96 -0.91 -21.41
CA LYS A 81 -12.89 -2.03 -21.41
C LYS A 81 -12.16 -3.29 -21.86
N LEU A 82 -12.14 -4.31 -21.00
CA LEU A 82 -11.73 -5.64 -21.42
C LEU A 82 -12.70 -6.14 -22.49
N GLN A 83 -12.20 -7.01 -23.37
CA GLN A 83 -13.07 -7.61 -24.38
C GLN A 83 -13.24 -9.10 -24.19
N VAL A 84 -12.19 -9.82 -23.77
CA VAL A 84 -12.29 -11.26 -23.59
C VAL A 84 -12.82 -11.52 -22.18
N GLU A 85 -14.01 -12.10 -22.10
CA GLU A 85 -14.63 -12.39 -20.80
C GLU A 85 -13.83 -13.44 -20.04
N ASN A 86 -13.33 -14.46 -20.75
CA ASN A 86 -12.58 -15.56 -20.17
C ASN A 86 -11.53 -15.06 -19.18
N LYS A 87 -11.93 -14.89 -17.92
CA LYS A 87 -11.04 -14.37 -16.90
C LYS A 87 -10.44 -15.48 -16.03
N LYS A 88 -11.20 -16.53 -15.73
CA LYS A 88 -10.70 -17.62 -14.92
C LYS A 88 -9.62 -18.38 -15.68
N ILE A 89 -8.36 -17.94 -15.59
CA ILE A 89 -7.25 -18.62 -16.23
C ILE A 89 -7.07 -19.98 -15.58
N PHE A 90 -6.31 -20.86 -16.20
CA PHE A 90 -6.15 -22.24 -15.72
C PHE A 90 -4.66 -22.56 -15.61
N PRO A 91 -3.98 -22.09 -14.56
CA PRO A 91 -2.54 -22.35 -14.44
C PRO A 91 -2.27 -23.80 -14.09
N PRO A 92 -1.10 -24.32 -14.45
CA PRO A 92 -0.69 -25.63 -13.94
C PRO A 92 -0.73 -25.67 -12.42
N LYS A 93 -0.93 -26.87 -11.88
CA LYS A 93 -1.08 -27.03 -10.44
C LYS A 93 0.15 -26.52 -9.70
N THR A 94 1.34 -26.73 -10.26
CA THR A 94 2.54 -26.29 -9.56
C THR A 94 2.56 -24.78 -9.39
N ILE A 95 1.99 -24.04 -10.34
CA ILE A 95 1.94 -22.58 -10.23
C ILE A 95 0.82 -22.13 -9.30
N GLN A 96 -0.35 -22.78 -9.39
CA GLN A 96 -1.44 -22.45 -8.46
C GLN A 96 -0.98 -22.57 -7.03
N GLU A 97 -0.19 -23.61 -6.72
CA GLU A 97 0.26 -23.84 -5.35
C GLU A 97 1.19 -22.76 -4.88
N ARG A 98 2.15 -22.38 -5.72
CA ARG A 98 3.08 -21.32 -5.37
C ARG A 98 2.34 -20.01 -5.14
N ILE A 99 1.41 -19.68 -6.05
CA ILE A 99 0.61 -18.47 -5.90
C ILE A 99 -0.15 -18.48 -4.58
N ALA A 100 -0.80 -19.61 -4.27
CA ALA A 100 -1.60 -19.68 -3.05
C ALA A 100 -0.73 -19.54 -1.80
N LYS A 101 0.47 -20.13 -1.83
CA LYS A 101 1.36 -20.08 -0.69
C LYS A 101 1.90 -18.67 -0.47
N GLU A 102 2.31 -18.00 -1.54
CA GLU A 102 2.84 -16.64 -1.40
C GLU A 102 1.74 -15.65 -1.02
N LEU A 103 0.48 -15.91 -1.42
CA LEU A 103 -0.63 -15.04 -1.02
C LEU A 103 -0.93 -15.17 0.47
N LYS A 104 -0.95 -16.40 0.99
CA LYS A 104 -1.09 -16.62 2.43
C LYS A 104 0.00 -15.92 3.21
N GLU A 105 1.25 -16.11 2.78
CA GLU A 105 2.37 -15.47 3.48
C GLU A 105 2.20 -13.96 3.47
N ALA A 106 1.93 -13.38 2.30
CA ALA A 106 1.83 -11.94 2.22
C ALA A 106 0.68 -11.43 3.11
N ASN A 107 -0.47 -12.09 3.05
CA ASN A 107 -1.62 -11.63 3.83
C ASN A 107 -1.32 -11.66 5.32
N ALA A 108 -0.57 -12.67 5.77
CA ALA A 108 -0.20 -12.71 7.18
C ALA A 108 0.66 -11.51 7.55
N ILE A 109 1.53 -11.07 6.64
CA ILE A 109 2.37 -9.91 6.91
C ILE A 109 1.55 -8.62 6.87
N TYR A 110 0.73 -8.45 5.85
CA TYR A 110 0.00 -7.19 5.69
C TYR A 110 -1.11 -7.02 6.71
N SER A 111 -1.57 -8.13 7.30
CA SER A 111 -2.57 -8.08 8.36
C SER A 111 -1.94 -7.73 9.69
N SER A 112 -0.64 -7.92 9.82
CA SER A 112 0.05 -7.58 11.05
C SER A 112 0.14 -6.07 11.23
N TYR A 113 0.28 -5.66 12.49
CA TYR A 113 0.28 -4.24 12.82
C TYR A 113 1.40 -3.99 13.81
N THR A 114 2.42 -3.25 13.39
CA THR A 114 3.46 -2.83 14.32
C THR A 114 3.03 -1.52 14.96
N PRO A 115 2.82 -1.47 16.27
CA PRO A 115 2.18 -0.28 16.85
C PRO A 115 3.16 0.82 17.23
N LYS A 116 4.23 0.98 16.46
CA LYS A 116 5.16 2.09 16.67
C LYS A 116 5.72 2.48 15.31
N ALA A 117 6.27 3.69 15.24
CA ALA A 117 6.86 4.22 14.01
C ALA A 117 8.21 3.57 13.76
N LEU A 118 8.36 2.86 12.64
CA LEU A 118 9.69 2.41 12.25
C LEU A 118 10.31 3.35 11.24
N PHE A 119 9.53 4.29 10.71
CA PHE A 119 9.98 5.25 9.72
C PHE A 119 10.76 6.36 10.42
N ASN A 120 11.28 7.27 9.60
CA ASN A 120 12.11 8.37 10.11
C ASN A 120 11.79 9.58 9.23
N GLY A 121 10.80 10.37 9.65
CA GLY A 121 10.44 11.53 8.84
C GLY A 121 9.74 11.15 7.55
N ALA A 122 9.84 12.03 6.56
CA ALA A 122 9.12 11.89 5.29
C ALA A 122 9.62 10.69 4.49
N PHE A 123 8.72 10.14 3.67
CA PHE A 123 9.10 9.18 2.63
C PHE A 123 9.82 9.91 1.50
N ASN A 124 10.86 9.28 0.96
CA ASN A 124 11.50 9.70 -0.27
C ASN A 124 11.11 8.74 -1.38
N ILE A 125 11.26 9.16 -2.64
CA ILE A 125 10.95 8.21 -3.70
C ILE A 125 12.12 7.22 -3.79
N PRO A 126 11.89 5.96 -4.21
CA PRO A 126 12.97 4.97 -4.17
C PRO A 126 14.01 5.13 -5.26
N LEU A 127 13.77 5.96 -6.26
CA LEU A 127 14.79 6.33 -7.23
C LEU A 127 14.34 7.63 -7.89
N ASN A 128 15.29 8.35 -8.43
CA ASN A 128 15.08 9.71 -8.92
C ASN A 128 14.70 9.71 -10.40
N SER A 129 13.69 8.90 -10.72
CA SER A 129 13.26 8.71 -12.10
C SER A 129 11.86 9.27 -12.26
N PHE A 130 11.10 8.73 -13.21
CA PHE A 130 9.79 9.27 -13.56
C PHE A 130 8.81 8.13 -13.76
N ILE A 131 7.53 8.43 -13.59
CA ILE A 131 6.48 7.42 -13.64
C ILE A 131 6.18 7.11 -15.10
N THR A 132 6.22 5.83 -15.46
CA THR A 132 5.83 5.39 -16.80
C THR A 132 4.52 4.65 -16.83
N SER A 133 4.02 4.19 -15.68
CA SER A 133 2.69 3.58 -15.66
C SER A 133 2.04 3.90 -14.33
N ASP A 134 0.93 4.65 -14.37
CA ASP A 134 0.30 5.20 -13.16
C ASP A 134 -0.42 4.12 -12.37
N PHE A 135 -0.52 4.37 -11.07
CA PHE A 135 -1.39 3.57 -10.22
C PHE A 135 -2.83 3.70 -10.67
N GLY A 136 -3.57 2.60 -10.59
CA GLY A 136 -5.00 2.64 -10.79
C GLY A 136 -5.48 2.48 -12.21
N LYS A 137 -4.57 2.28 -13.17
CA LYS A 137 -5.02 1.93 -14.52
C LYS A 137 -5.80 0.64 -14.44
N ALA A 138 -7.03 0.67 -14.93
CA ALA A 138 -7.95 -0.44 -14.72
C ALA A 138 -8.36 -1.05 -16.04
N ARG A 139 -8.71 -2.33 -15.98
CA ARG A 139 -9.38 -3.01 -17.08
C ARG A 139 -10.73 -3.47 -16.56
N THR A 140 -11.80 -3.07 -17.25
CA THR A 140 -13.16 -3.26 -16.76
C THR A 140 -13.94 -4.20 -17.67
N PHE A 141 -14.71 -5.09 -17.05
CA PHE A 141 -15.72 -5.89 -17.73
C PHE A 141 -16.95 -5.95 -16.84
N ASN A 142 -18.14 -5.86 -17.46
CA ASN A 142 -19.42 -5.80 -16.77
C ASN A 142 -19.58 -4.49 -15.99
N GLU A 143 -19.04 -3.38 -16.51
CA GLU A 143 -19.00 -2.10 -15.81
C GLU A 143 -18.36 -2.23 -14.43
N LYS A 144 -17.60 -3.30 -14.21
CA LYS A 144 -16.89 -3.57 -12.98
C LYS A 144 -15.41 -3.69 -13.28
N VAL A 145 -14.59 -3.59 -12.23
CA VAL A 145 -13.14 -3.61 -12.38
C VAL A 145 -12.66 -5.05 -12.38
N ALA A 146 -12.08 -5.48 -13.49
CA ALA A 146 -11.56 -6.84 -13.57
C ALA A 146 -10.15 -6.93 -13.03
N SER A 147 -9.34 -5.90 -13.24
CA SER A 147 -8.00 -5.83 -12.68
C SER A 147 -7.51 -4.40 -12.75
N TYR A 148 -6.49 -4.11 -11.95
CA TYR A 148 -5.94 -2.76 -11.93
C TYR A 148 -4.48 -2.79 -11.54
N HIS A 149 -3.79 -1.71 -11.86
CA HIS A 149 -2.38 -1.53 -11.52
C HIS A 149 -2.30 -1.06 -10.07
N SER A 150 -1.83 -1.94 -9.19
CA SER A 150 -1.88 -1.71 -7.75
C SER A 150 -0.63 -1.02 -7.22
N GLY A 151 0.21 -0.48 -8.09
CA GLY A 151 1.34 0.34 -7.69
C GLY A 151 1.67 1.33 -8.78
N THR A 152 2.81 2.00 -8.71
CA THR A 152 3.24 2.88 -9.78
C THR A 152 4.60 2.43 -10.29
N ASP A 153 4.81 2.50 -11.61
CA ASP A 153 6.05 2.06 -12.25
C ASP A 153 6.94 3.26 -12.55
N PHE A 154 8.19 3.18 -12.09
CA PHE A 154 9.24 4.14 -12.42
C PHE A 154 10.06 3.62 -13.57
N ARG A 155 10.48 4.52 -14.44
CA ARG A 155 11.43 4.14 -15.48
C ARG A 155 12.74 3.69 -14.85
N ALA A 156 13.27 2.56 -15.32
CA ALA A 156 14.53 2.06 -14.80
C ALA A 156 15.07 1.01 -15.76
N ALA A 157 16.26 1.28 -16.30
CA ALA A 157 16.99 0.23 -17.00
C ALA A 157 17.39 -0.84 -16.00
N THR A 158 17.51 -2.07 -16.49
CA THR A 158 17.94 -3.17 -15.62
C THR A 158 19.22 -2.78 -14.91
N GLY A 159 19.28 -3.01 -13.60
CA GLY A 159 20.47 -2.72 -12.82
C GLY A 159 20.49 -1.38 -12.13
N THR A 160 19.38 -0.64 -12.14
CA THR A 160 19.35 0.66 -11.49
C THR A 160 19.24 0.49 -9.99
N PRO A 161 20.09 1.15 -9.19
CA PRO A 161 19.98 1.03 -7.73
C PRO A 161 18.64 1.56 -7.22
N ILE A 162 18.05 0.81 -6.29
CA ILE A 162 16.77 1.15 -5.66
C ILE A 162 17.02 1.34 -4.18
N TYR A 163 16.48 2.41 -3.61
CA TYR A 163 16.72 2.78 -2.23
C TYR A 163 15.41 2.75 -1.44
N ALA A 164 15.48 2.36 -0.17
CA ALA A 164 14.29 2.31 0.68
C ALA A 164 13.63 3.68 0.76
N ALA A 165 12.31 3.72 0.51
CA ALA A 165 11.56 4.96 0.59
C ALA A 165 11.52 5.53 2.01
N ASN A 166 11.65 4.68 3.03
CA ASN A 166 11.70 5.13 4.42
C ASN A 166 12.31 4.01 5.25
N SER A 167 12.72 4.34 6.48
CA SER A 167 13.26 3.31 7.36
C SER A 167 12.21 2.29 7.75
N GLY A 168 12.66 1.10 8.12
CA GLY A 168 11.76 0.07 8.59
C GLY A 168 12.44 -1.29 8.67
N VAL A 169 11.62 -2.33 8.66
CA VAL A 169 12.09 -3.71 8.81
C VAL A 169 11.66 -4.50 7.57
N VAL A 170 12.63 -5.12 6.91
CA VAL A 170 12.34 -5.96 5.74
C VAL A 170 11.52 -7.16 6.18
N LYS A 171 10.38 -7.37 5.52
CA LYS A 171 9.54 -8.53 5.82
C LYS A 171 9.49 -9.55 4.69
N ILE A 172 9.74 -9.14 3.45
CA ILE A 172 9.80 -10.04 2.30
C ILE A 172 11.03 -9.68 1.50
N ALA A 173 11.76 -10.69 1.04
CA ALA A 173 12.94 -10.44 0.22
C ALA A 173 13.27 -11.70 -0.56
N LYS A 174 12.42 -12.02 -1.53
CA LYS A 174 12.61 -13.24 -2.31
C LYS A 174 11.87 -13.07 -3.63
N ASP A 175 12.01 -14.08 -4.46
CA ASP A 175 11.36 -14.13 -5.76
C ASP A 175 9.97 -14.72 -5.60
N ARG A 176 8.96 -14.00 -6.08
CA ARG A 176 7.57 -14.42 -5.96
C ARG A 176 6.96 -14.39 -7.34
N TYR A 177 5.86 -15.12 -7.51
CA TYR A 177 5.40 -15.36 -8.87
C TYR A 177 5.04 -14.07 -9.61
N PHE A 178 4.04 -13.32 -9.15
CA PHE A 178 3.66 -12.13 -9.93
C PHE A 178 4.61 -10.94 -9.73
N ALA A 179 5.15 -10.77 -8.52
CA ALA A 179 6.01 -9.65 -8.20
C ALA A 179 7.47 -9.85 -8.60
N GLY A 180 7.86 -11.06 -9.02
CA GLY A 180 9.27 -11.37 -9.26
C GLY A 180 10.07 -11.17 -7.98
N ASN A 181 11.35 -10.88 -8.15
CA ASN A 181 12.19 -10.52 -7.01
C ASN A 181 11.59 -9.31 -6.31
N SER A 182 11.24 -9.48 -5.03
CA SER A 182 10.37 -8.59 -4.27
C SER A 182 11.02 -8.21 -2.96
N VAL A 183 10.88 -6.94 -2.56
CA VAL A 183 11.20 -6.48 -1.22
C VAL A 183 9.96 -5.77 -0.67
N VAL A 184 9.58 -6.10 0.56
CA VAL A 184 8.50 -5.43 1.25
C VAL A 184 9.04 -4.98 2.61
N ILE A 185 8.79 -3.73 2.97
CA ILE A 185 9.30 -3.13 4.21
C ILE A 185 8.13 -2.68 5.08
N ASP A 186 8.14 -3.09 6.36
CA ASP A 186 7.20 -2.63 7.40
C ASP A 186 7.70 -1.30 7.95
N HIS A 187 6.91 -0.24 7.80
CA HIS A 187 7.28 1.06 8.34
C HIS A 187 6.61 1.37 9.67
N GLY A 188 5.84 0.43 10.20
CA GLY A 188 5.04 0.66 11.39
C GLY A 188 3.65 1.13 11.02
N PHE A 189 2.72 0.99 11.97
CA PHE A 189 1.36 1.50 11.82
C PHE A 189 0.62 0.85 10.63
N GLY A 190 1.02 -0.34 10.23
CA GLY A 190 0.36 -1.00 9.10
C GLY A 190 0.73 -0.45 7.74
N ILE A 191 1.82 0.32 7.64
CA ILE A 191 2.29 0.92 6.40
C ILE A 191 3.44 0.06 5.86
N TYR A 192 3.28 -0.47 4.64
CA TYR A 192 4.29 -1.31 3.97
C TYR A 192 4.63 -0.69 2.62
N SER A 193 5.92 -0.59 2.30
CA SER A 193 6.30 -0.22 0.95
C SER A 193 6.82 -1.46 0.22
N GLN A 194 6.60 -1.47 -1.10
CA GLN A 194 6.82 -2.63 -1.94
C GLN A 194 7.70 -2.25 -3.13
N TYR A 195 8.69 -3.09 -3.44
CA TYR A 195 9.66 -2.85 -4.50
C TYR A 195 9.73 -4.13 -5.32
N TYR A 196 9.17 -4.13 -6.54
CA TYR A 196 8.97 -5.39 -7.28
C TYR A 196 9.76 -5.41 -8.60
N HIS A 197 9.97 -6.63 -9.11
CA HIS A 197 10.58 -6.92 -10.41
C HIS A 197 12.08 -6.71 -10.41
N LEU A 198 12.70 -6.72 -9.24
CA LEU A 198 14.12 -6.43 -9.11
C LEU A 198 14.96 -7.47 -9.83
N SER A 199 16.16 -7.06 -10.26
CA SER A 199 17.12 -8.04 -10.76
C SER A 199 18.01 -8.57 -9.66
N LYS A 200 18.12 -7.86 -8.54
CA LYS A 200 18.99 -8.28 -7.45
C LYS A 200 18.41 -7.77 -6.14
N ILE A 201 18.39 -8.64 -5.13
CA ILE A 201 17.90 -8.32 -3.79
C ILE A 201 19.11 -8.15 -2.88
N ASP A 202 19.25 -6.99 -2.24
CA ASP A 202 20.43 -6.71 -1.42
C ASP A 202 20.10 -6.64 0.08
N VAL A 203 18.96 -7.19 0.51
CA VAL A 203 18.55 -7.18 1.91
C VAL A 203 18.04 -8.57 2.29
N LYS A 204 17.95 -8.82 3.59
CA LYS A 204 17.43 -10.07 4.13
C LYS A 204 16.19 -9.80 4.97
N VAL A 205 15.32 -10.82 5.09
CA VAL A 205 14.15 -10.69 5.94
C VAL A 205 14.61 -10.45 7.39
N GLY A 206 13.92 -9.53 8.08
CA GLY A 206 14.26 -9.20 9.44
C GLY A 206 15.26 -8.08 9.59
N GLN A 207 15.88 -7.68 8.49
CA GLN A 207 16.89 -6.63 8.53
C GLN A 207 16.26 -5.26 8.76
N LYS A 208 16.91 -4.46 9.60
CA LYS A 208 16.49 -3.08 9.81
C LYS A 208 17.16 -2.20 8.77
N ILE A 209 16.37 -1.35 8.12
CA ILE A 209 16.82 -0.60 6.95
C ILE A 209 16.60 0.88 7.19
N LYS A 210 17.55 1.70 6.74
CA LYS A 210 17.44 3.13 6.86
C LYS A 210 16.83 3.73 5.60
N LYS A 211 16.15 4.86 5.76
CA LYS A 211 15.70 5.61 4.60
C LYS A 211 16.90 5.90 3.70
N GLY A 212 16.74 5.70 2.40
CA GLY A 212 17.83 5.98 1.48
C GLY A 212 18.86 4.87 1.34
N GLU A 213 18.69 3.77 2.06
CA GLU A 213 19.63 2.67 2.01
C GLU A 213 19.32 1.78 0.80
N LEU A 214 20.37 1.30 0.15
CA LEU A 214 20.21 0.43 -1.01
C LEU A 214 19.48 -0.85 -0.62
N ILE A 215 18.44 -1.21 -1.36
CA ILE A 215 17.76 -2.48 -1.13
C ILE A 215 17.88 -3.45 -2.30
N GLY A 216 18.37 -3.02 -3.45
CA GLY A 216 18.54 -3.93 -4.56
C GLY A 216 18.74 -3.17 -5.86
N LEU A 217 18.66 -3.93 -6.96
CA LEU A 217 18.81 -3.39 -8.30
C LEU A 217 17.54 -3.69 -9.07
N SER A 218 17.05 -2.69 -9.79
CA SER A 218 15.85 -2.89 -10.58
C SER A 218 16.11 -3.93 -11.67
N GLY A 219 15.04 -4.53 -12.15
CA GLY A 219 15.14 -5.46 -13.26
C GLY A 219 13.84 -5.58 -13.99
N ALA A 220 13.58 -6.80 -14.47
CA ALA A 220 12.33 -7.12 -15.17
C ALA A 220 11.80 -8.46 -14.70
N SER A 221 12.13 -8.87 -13.48
CA SER A 221 11.75 -10.19 -13.03
C SER A 221 10.24 -10.26 -12.78
N GLY A 222 9.63 -11.35 -13.24
CA GLY A 222 8.19 -11.46 -13.14
C GLY A 222 7.43 -10.49 -14.02
N ARG A 223 8.15 -9.72 -14.84
CA ARG A 223 7.56 -8.63 -15.61
C ARG A 223 7.59 -8.95 -17.11
N VAL A 224 6.45 -8.79 -17.76
CA VAL A 224 6.34 -9.05 -19.19
C VAL A 224 6.78 -7.84 -19.99
N SER A 225 6.46 -6.63 -19.51
CA SER A 225 6.69 -5.39 -20.25
C SER A 225 8.09 -4.83 -20.09
N GLY A 226 9.06 -5.66 -19.75
CA GLY A 226 10.42 -5.20 -19.72
C GLY A 226 10.78 -4.49 -18.43
N PRO A 227 11.99 -3.94 -18.40
CA PRO A 227 12.53 -3.42 -17.14
C PRO A 227 11.74 -2.22 -16.61
N ALA A 228 11.45 -2.25 -15.31
CA ALA A 228 10.90 -1.10 -14.59
C ALA A 228 10.96 -1.41 -13.10
N LEU A 229 10.75 -0.38 -12.29
CA LEU A 229 10.57 -0.53 -10.84
C LEU A 229 9.09 -0.32 -10.53
N HIS A 230 8.44 -1.34 -9.99
CA HIS A 230 7.08 -1.21 -9.51
C HIS A 230 7.15 -0.88 -8.03
N PHE A 231 6.57 0.26 -7.64
CA PHE A 231 6.59 0.73 -6.26
C PHE A 231 5.16 0.75 -5.73
N GLY A 232 4.95 0.09 -4.58
CA GLY A 232 3.62 0.04 -4.00
C GLY A 232 3.63 0.48 -2.55
N ILE A 233 2.45 0.88 -2.09
CA ILE A 233 2.20 1.16 -0.67
C ILE A 233 0.95 0.42 -0.27
N LEU A 234 1.03 -0.32 0.83
CA LEU A 234 -0.14 -0.91 1.44
C LEU A 234 -0.34 -0.21 2.77
N ALA A 235 -1.56 0.25 3.01
CA ALA A 235 -1.82 0.94 4.26
C ALA A 235 -3.30 0.80 4.56
N GLY A 236 -3.63 0.70 5.84
CA GLY A 236 -5.00 0.43 6.23
C GLY A 236 -5.49 -0.89 5.67
N GLY A 237 -4.58 -1.83 5.45
CA GLY A 237 -4.93 -3.14 4.93
C GLY A 237 -5.12 -3.24 3.42
N LYS A 238 -4.97 -2.14 2.67
CA LYS A 238 -5.29 -2.08 1.24
C LYS A 238 -4.12 -1.50 0.46
N GLN A 239 -4.00 -1.90 -0.81
CA GLN A 239 -3.13 -1.18 -1.73
C GLN A 239 -3.73 0.19 -2.02
N VAL A 240 -2.93 1.24 -1.86
CA VAL A 240 -3.37 2.60 -2.09
C VAL A 240 -2.40 3.29 -3.04
N ASP A 241 -2.88 4.38 -3.64
CA ASP A 241 -2.15 5.26 -4.53
C ASP A 241 -0.86 5.70 -3.83
N PRO A 242 0.31 5.24 -4.30
CA PRO A 242 1.52 5.44 -3.49
C PRO A 242 1.98 6.89 -3.44
N LEU A 243 1.94 7.63 -4.55
CA LEU A 243 2.40 9.02 -4.50
C LEU A 243 1.40 9.91 -3.76
N ASP A 244 0.10 9.67 -3.94
CA ASP A 244 -0.90 10.33 -3.11
C ASP A 244 -0.67 10.04 -1.63
N PHE A 245 -0.43 8.78 -1.26
CA PHE A 245 -0.19 8.47 0.14
C PHE A 245 1.05 9.17 0.68
N VAL A 246 2.15 9.13 -0.08
CA VAL A 246 3.38 9.78 0.34
C VAL A 246 3.16 11.26 0.56
N SER A 247 2.44 11.91 -0.37
CA SER A 247 2.12 13.31 -0.21
C SER A 247 1.33 13.57 1.09
N LYS A 248 0.32 12.75 1.35
CA LYS A 248 -0.46 12.95 2.57
C LYS A 248 0.36 12.63 3.82
N PHE A 249 1.15 11.56 3.77
CA PHE A 249 1.98 11.19 4.92
C PHE A 249 3.01 12.27 5.21
N ASN A 250 3.69 12.77 4.17
CA ASN A 250 4.74 13.75 4.36
C ASN A 250 4.20 15.08 4.88
N ALA A 251 2.97 15.44 4.52
CA ALA A 251 2.42 16.68 5.05
C ALA A 251 2.31 16.63 6.57
N ILE A 252 2.21 15.43 7.14
CA ILE A 252 2.05 15.27 8.57
C ILE A 252 3.39 15.06 9.27
N PHE A 253 4.22 14.17 8.74
CA PHE A 253 5.42 13.74 9.45
C PHE A 253 6.70 14.37 8.93
N GLN A 254 6.62 15.24 7.91
CA GLN A 254 7.78 15.97 7.38
C GLN A 254 8.73 16.45 8.47
N LEU A 255 8.31 17.47 9.21
CA LEU A 255 9.21 18.21 10.07
C LEU A 255 9.34 17.54 11.44
#